data_6FCQ
#
_entry.id   6FCQ
#
_cell.length_a   165.715
_cell.length_b   165.715
_cell.length_c   55.884
_cell.angle_alpha   90.00
_cell.angle_beta   90.00
_cell.angle_gamma   120.00
#
_symmetry.space_group_name_H-M   'P 63'
#
loop_
_entity.id
_entity.type
_entity.pdbx_description
1 polymer 'Soluble lytic murein transglycosylase'
2 non-polymer 'BULGECIN A'
3 non-polymer GLYCEROL
4 water water
#
_entity_poly.entity_id   1
_entity_poly.type   'polypeptide(L)'
_entity_poly.pdbx_seq_one_letter_code
;QRRLYDQAKAALAKGNSAPYMASRSALRDYPLEPYLAYDELTHRLKSASNEEVERFLTEHGDLPQIGWLKLRWLRLLADR
GDWKTFVNYYDPKLNFTELDCLYGQYQLGHGQKAEGYATSERLWLVGKSQPAACDTLFGLWQGEGQLTEEKVWKRLKLAA
EARNYSLASHLAQRLPTLGNQGALMVSVAQNPAQLSQTGRFSQRDHATADVVGLGLRRLARQDPEKALSLLDYYSSALPF
SSDEKVAIAREIGLSLAKRFDPRALPLMTQYDPGLRDNTVTEWRTRLLLRLGRWDEAYALTRKLPQDLAATSRWRYWQAR
SLQLAQPNSKEPIALYQKLAGERDFYGFLAADRLSVPYKLGNRPAHIDPRVLQRVRNAASTRRAMEFFNRGEVINARREW
YHAARLFDRDELIAQARLAYDMQWYFPAIRSISQAQYWDDLDIRFPMAHRATLVREAKNRGLHSSWIFAITRQQSAFMSD
ARSGVGATGLMQLMPGTAKETSRKFGIPLASTQQLIVPDVNIRLGAAYLSQVHSQFNGNRVLASAAYNAGPGRVRQWLKD
TRHLAFDVWIETIPFDETRQYVQNVLSYAVIYGQKLNAPQPIVDWHERYFDDF
;
_entity_poly.pdbx_strand_id   A
#
# COMPACT_ATOMS: atom_id res chain seq x y z
N GLN A 1 5.20 28.41 -33.67
CA GLN A 1 3.85 29.06 -33.68
C GLN A 1 2.95 28.53 -32.57
N ARG A 2 1.71 28.99 -32.54
CA ARG A 2 0.68 28.52 -31.62
C ARG A 2 -0.15 27.46 -32.39
N ARG A 3 -0.53 26.38 -31.71
CA ARG A 3 -1.26 25.26 -32.35
C ARG A 3 -2.51 24.86 -31.58
N LEU A 4 -3.62 24.76 -32.31
CA LEU A 4 -4.87 24.20 -31.80
C LEU A 4 -4.94 22.76 -32.31
N TYR A 5 -4.49 21.82 -31.46
CA TYR A 5 -4.51 20.39 -31.81
C TYR A 5 -5.88 19.77 -31.44
N ASP A 6 -6.71 20.52 -30.72
CA ASP A 6 -8.05 20.07 -30.32
C ASP A 6 -8.92 19.64 -31.49
N GLN A 7 -8.83 20.37 -32.61
CA GLN A 7 -9.66 20.06 -33.77
C GLN A 7 -9.31 18.68 -34.31
N ALA A 8 -8.01 18.44 -34.49
CA ALA A 8 -7.50 17.14 -34.96
C ALA A 8 -7.87 16.02 -33.98
N LYS A 9 -7.70 16.31 -32.70
CA LYS A 9 -8.04 15.41 -31.59
C LYS A 9 -9.54 15.09 -31.50
N ALA A 10 -10.38 16.10 -31.70
CA ALA A 10 -11.84 15.95 -31.65
C ALA A 10 -12.34 14.97 -32.71
N ALA A 11 -11.83 15.15 -33.93
CA ALA A 11 -12.17 14.29 -35.07
C ALA A 11 -11.87 12.82 -34.81
N LEU A 12 -10.64 12.55 -34.39
CA LEU A 12 -10.17 11.18 -34.11
C LEU A 12 -11.00 10.47 -33.04
N ALA A 13 -11.34 11.18 -31.97
CA ALA A 13 -12.22 10.64 -30.94
C ALA A 13 -13.57 10.42 -31.59
N LYS A 14 -13.93 9.15 -31.75
CA LYS A 14 -15.17 8.73 -32.39
C LYS A 14 -15.27 9.24 -33.84
N GLY A 15 -14.26 8.96 -34.66
CA GLY A 15 -14.34 9.39 -36.06
C GLY A 15 -13.13 9.33 -36.97
N ASN A 16 -13.02 10.37 -37.79
CA ASN A 16 -12.07 10.44 -38.91
C ASN A 16 -10.75 11.11 -38.53
N SER A 17 -9.79 10.98 -39.43
CA SER A 17 -8.42 11.45 -39.23
C SER A 17 -7.97 12.54 -40.21
N ALA A 18 -8.91 13.10 -40.98
CA ALA A 18 -8.57 14.13 -41.99
C ALA A 18 -7.91 15.38 -41.41
N PRO A 19 -8.45 15.91 -40.29
CA PRO A 19 -7.81 17.08 -39.70
C PRO A 19 -6.42 16.77 -39.17
N TYR A 20 -6.23 15.60 -38.54
CA TYR A 20 -4.89 15.18 -38.12
C TYR A 20 -3.98 15.06 -39.35
N MET A 21 -4.38 14.29 -40.37
CA MET A 21 -3.56 14.15 -41.60
C MET A 21 -3.25 15.49 -42.27
N ALA A 22 -4.27 16.35 -42.32
CA ALA A 22 -4.13 17.71 -42.88
C ALA A 22 -3.17 18.55 -42.05
N SER A 23 -3.54 18.81 -40.79
CA SER A 23 -2.74 19.65 -39.90
C SER A 23 -1.37 19.04 -39.55
N ARG A 24 -1.28 17.71 -39.36
CA ARG A 24 -0.07 17.03 -38.78
C ARG A 24 1.29 17.57 -39.22
N SER A 25 1.39 17.91 -40.51
CA SER A 25 2.64 18.42 -41.09
C SER A 25 3.10 19.68 -40.35
N ALA A 26 2.13 20.48 -39.87
CA ALA A 26 2.39 21.67 -39.05
C ALA A 26 2.85 21.39 -37.61
N LEU A 27 2.49 20.24 -37.04
CA LEU A 27 2.69 19.97 -35.60
C LEU A 27 3.84 18.99 -35.33
N ARG A 28 4.85 18.97 -36.21
CA ARG A 28 6.09 18.19 -35.97
C ARG A 28 6.72 18.55 -34.63
N ASP A 29 6.83 19.85 -34.38
CA ASP A 29 7.40 20.39 -33.14
C ASP A 29 6.50 20.25 -31.91
N TYR A 30 5.18 20.18 -32.12
CA TYR A 30 4.23 20.12 -31.00
C TYR A 30 4.46 18.86 -30.12
N PRO A 31 4.45 19.02 -28.79
CA PRO A 31 4.80 17.89 -27.91
C PRO A 31 3.76 16.76 -27.88
N LEU A 32 2.48 17.11 -27.97
CA LEU A 32 1.38 16.12 -27.90
C LEU A 32 0.93 15.51 -29.24
N GLU A 33 1.65 15.82 -30.32
CA GLU A 33 1.37 15.23 -31.64
C GLU A 33 1.41 13.69 -31.62
N PRO A 34 2.34 13.07 -30.86
CA PRO A 34 2.35 11.60 -30.75
C PRO A 34 1.08 10.95 -30.15
N TYR A 35 0.29 11.68 -29.37
CA TYR A 35 -1.01 11.16 -28.88
C TYR A 35 -2.03 10.99 -30.02
N LEU A 36 -1.98 11.90 -31.00
CA LEU A 36 -2.87 11.83 -32.17
C LEU A 36 -2.49 10.64 -33.06
N ALA A 37 -1.21 10.57 -33.39
CA ALA A 37 -0.61 9.43 -34.10
C ALA A 37 -1.01 8.10 -33.45
N TYR A 38 -0.91 8.06 -32.13
CA TYR A 38 -1.24 6.87 -31.34
C TYR A 38 -2.67 6.45 -31.60
N ASP A 39 -3.60 7.37 -31.46
CA ASP A 39 -5.02 7.09 -31.67
C ASP A 39 -5.33 6.73 -33.12
N GLU A 40 -4.68 7.44 -34.06
CA GLU A 40 -4.89 7.23 -35.50
C GLU A 40 -4.51 5.80 -35.91
N LEU A 41 -3.34 5.36 -35.46
CA LEU A 41 -2.89 4.00 -35.68
C LEU A 41 -3.80 3.01 -34.97
N THR A 42 -4.02 3.22 -33.67
CA THR A 42 -4.83 2.32 -32.83
C THR A 42 -6.18 1.96 -33.43
N HIS A 43 -6.85 2.92 -34.06
CA HIS A 43 -8.16 2.71 -34.69
C HIS A 43 -8.10 1.72 -35.86
N ARG A 44 -7.03 1.82 -36.66
CA ARG A 44 -6.82 0.96 -37.82
C ARG A 44 -5.78 -0.15 -37.60
N LEU A 45 -5.60 -0.55 -36.33
CA LEU A 45 -4.47 -1.38 -35.93
C LEU A 45 -4.48 -2.73 -36.62
N LYS A 46 -5.68 -3.28 -36.82
CA LYS A 46 -5.84 -4.62 -37.40
C LYS A 46 -5.22 -4.76 -38.81
N SER A 47 -5.36 -3.71 -39.62
CA SER A 47 -4.85 -3.67 -41.00
C SER A 47 -3.43 -3.09 -41.14
N ALA A 48 -2.85 -2.60 -40.04
CA ALA A 48 -1.50 -2.00 -40.06
C ALA A 48 -0.40 -3.06 -40.25
N SER A 49 0.67 -2.66 -40.95
CA SER A 49 1.83 -3.54 -41.18
C SER A 49 2.66 -3.66 -39.92
N ASN A 50 3.45 -4.73 -39.84
CA ASN A 50 4.42 -4.88 -38.75
C ASN A 50 5.44 -3.75 -38.79
N GLU A 51 5.89 -3.41 -39.99
CA GLU A 51 6.94 -2.41 -40.18
C GLU A 51 6.52 -1.07 -39.59
N GLU A 52 5.26 -0.68 -39.82
CA GLU A 52 4.73 0.55 -39.24
C GLU A 52 4.61 0.47 -37.73
N VAL A 53 4.03 -0.61 -37.24
CA VAL A 53 3.78 -0.75 -35.80
C VAL A 53 5.11 -0.84 -35.04
N GLU A 54 6.05 -1.62 -35.56
CA GLU A 54 7.41 -1.72 -35.00
C GLU A 54 8.12 -0.35 -34.99
N ARG A 55 8.03 0.36 -36.11
CA ARG A 55 8.53 1.75 -36.23
C ARG A 55 7.95 2.66 -35.14
N PHE A 56 6.64 2.56 -34.91
CA PHE A 56 5.97 3.39 -33.90
C PHE A 56 6.42 3.08 -32.47
N LEU A 57 6.68 1.80 -32.20
CA LEU A 57 7.16 1.37 -30.89
C LEU A 57 8.57 1.89 -30.63
N THR A 58 9.40 1.97 -31.67
CA THR A 58 10.74 2.57 -31.56
C THR A 58 10.65 4.06 -31.29
N GLU A 59 9.95 4.78 -32.16
CA GLU A 59 9.91 6.25 -32.12
C GLU A 59 9.11 6.86 -30.97
N HIS A 60 8.13 6.14 -30.42
CA HIS A 60 7.33 6.66 -29.30
C HIS A 60 7.14 5.65 -28.16
N GLY A 61 8.13 4.78 -27.95
CA GLY A 61 8.13 3.82 -26.84
C GLY A 61 8.05 4.42 -25.45
N ASP A 62 8.48 5.68 -25.31
CA ASP A 62 8.36 6.42 -24.06
C ASP A 62 6.94 6.79 -23.64
N LEU A 63 5.97 6.80 -24.57
CA LEU A 63 4.59 7.19 -24.25
C LEU A 63 3.98 6.35 -23.13
N PRO A 64 3.24 6.99 -22.19
CA PRO A 64 2.59 6.27 -21.07
C PRO A 64 1.66 5.15 -21.48
N GLN A 65 0.90 5.39 -22.54
CA GLN A 65 -0.10 4.43 -23.03
C GLN A 65 0.45 3.31 -23.93
N ILE A 66 1.77 3.30 -24.19
CA ILE A 66 2.36 2.38 -25.17
C ILE A 66 2.10 0.90 -24.88
N GLY A 67 2.09 0.54 -23.59
CA GLY A 67 1.80 -0.82 -23.15
C GLY A 67 0.47 -1.37 -23.64
N TRP A 68 -0.54 -0.50 -23.73
CA TRP A 68 -1.86 -0.87 -24.23
C TRP A 68 -1.81 -1.25 -25.72
N LEU A 69 -1.07 -0.48 -26.50
CA LEU A 69 -0.83 -0.79 -27.91
C LEU A 69 -0.13 -2.14 -28.09
N LYS A 70 0.85 -2.42 -27.23
CA LYS A 70 1.56 -3.70 -27.27
C LYS A 70 0.61 -4.84 -26.97
N LEU A 71 -0.29 -4.65 -26.01
CA LEU A 71 -1.31 -5.66 -25.66
C LEU A 71 -2.25 -5.90 -26.83
N ARG A 72 -2.80 -4.82 -27.37
CA ARG A 72 -3.71 -4.89 -28.53
C ARG A 72 -3.07 -5.52 -29.78
N TRP A 73 -1.79 -5.19 -30.01
CA TRP A 73 -1.05 -5.67 -31.19
C TRP A 73 -0.65 -7.13 -31.02
N LEU A 74 -0.17 -7.48 -29.84
CA LEU A 74 0.28 -8.85 -29.56
C LEU A 74 -0.85 -9.86 -29.55
N ARG A 75 -2.04 -9.43 -29.10
CA ARG A 75 -3.26 -10.23 -29.29
C ARG A 75 -3.35 -10.68 -30.76
N LEU A 76 -3.26 -9.70 -31.67
CA LEU A 76 -3.38 -9.97 -33.10
C LEU A 76 -2.25 -10.86 -33.58
N LEU A 77 -1.01 -10.46 -33.32
CA LEU A 77 0.16 -11.24 -33.75
C LEU A 77 0.03 -12.72 -33.36
N ALA A 78 -0.43 -12.98 -32.14
CA ALA A 78 -0.67 -14.34 -31.65
C ALA A 78 -1.89 -14.98 -32.33
N ASP A 79 -2.92 -14.17 -32.53
CA ASP A 79 -4.13 -14.59 -33.26
C ASP A 79 -3.80 -14.99 -34.71
N ARG A 80 -2.88 -14.26 -35.34
CA ARG A 80 -2.44 -14.55 -36.69
C ARG A 80 -1.41 -15.67 -36.74
N GLY A 81 -0.85 -16.05 -35.59
CA GLY A 81 0.21 -17.04 -35.52
C GLY A 81 1.59 -16.50 -35.86
N ASP A 82 1.73 -15.17 -35.89
CA ASP A 82 3.00 -14.49 -36.14
C ASP A 82 3.78 -14.47 -34.82
N TRP A 83 4.28 -15.64 -34.44
CA TRP A 83 4.93 -15.84 -33.15
C TRP A 83 6.34 -15.28 -33.11
N LYS A 84 7.01 -15.25 -34.26
CA LYS A 84 8.35 -14.67 -34.35
C LYS A 84 8.32 -13.21 -33.92
N THR A 85 7.35 -12.48 -34.45
CA THR A 85 7.16 -11.07 -34.09
C THR A 85 6.63 -10.91 -32.66
N PHE A 86 5.76 -11.82 -32.24
CA PHE A 86 5.25 -11.84 -30.86
C PHE A 86 6.38 -11.83 -29.83
N VAL A 87 7.25 -12.83 -29.93
CA VAL A 87 8.32 -13.00 -28.94
C VAL A 87 9.35 -11.88 -28.98
N ASN A 88 9.52 -11.23 -30.12
CA ASN A 88 10.39 -10.05 -30.22
C ASN A 88 9.93 -8.90 -29.33
N TYR A 89 8.62 -8.79 -29.09
CA TYR A 89 8.05 -7.70 -28.29
C TYR A 89 7.36 -8.08 -26.98
N TYR A 90 7.19 -9.38 -26.71
CA TYR A 90 6.57 -9.82 -25.46
C TYR A 90 7.43 -9.46 -24.25
N ASP A 91 6.79 -8.80 -23.28
CA ASP A 91 7.49 -8.24 -22.12
C ASP A 91 6.72 -8.59 -20.83
N PRO A 92 7.28 -9.48 -19.98
CA PRO A 92 6.68 -9.80 -18.67
C PRO A 92 6.46 -8.59 -17.77
N LYS A 93 7.30 -7.57 -17.91
CA LYS A 93 7.24 -6.32 -17.15
C LYS A 93 5.92 -5.54 -17.30
N LEU A 94 5.24 -5.70 -18.44
CA LEU A 94 3.92 -5.08 -18.65
C LEU A 94 2.83 -5.62 -17.70
N ASN A 95 3.03 -6.81 -17.15
CA ASN A 95 2.13 -7.42 -16.18
C ASN A 95 0.69 -7.61 -16.74
N PHE A 96 0.61 -7.93 -18.02
CA PHE A 96 -0.63 -8.40 -18.61
C PHE A 96 -0.60 -9.90 -18.59
N THR A 97 -1.51 -10.49 -17.81
CA THR A 97 -1.65 -11.93 -17.72
C THR A 97 -2.16 -12.54 -19.04
N GLU A 98 -2.86 -11.74 -19.85
CA GLU A 98 -3.28 -12.21 -21.17
C GLU A 98 -2.05 -12.51 -22.05
N LEU A 99 -1.09 -11.59 -22.06
CA LEU A 99 0.15 -11.82 -22.81
C LEU A 99 0.96 -12.96 -22.22
N ASP A 100 1.12 -12.97 -20.89
CA ASP A 100 1.85 -14.06 -20.21
C ASP A 100 1.28 -15.44 -20.55
N CYS A 101 -0.05 -15.52 -20.66
CA CYS A 101 -0.72 -16.76 -21.04
C CYS A 101 -0.51 -17.11 -22.51
N LEU A 102 -0.56 -16.10 -23.38
CA LEU A 102 -0.21 -16.29 -24.79
C LEU A 102 1.25 -16.72 -24.95
N TYR A 103 2.14 -16.13 -24.15
CA TYR A 103 3.55 -16.52 -24.16
C TYR A 103 3.73 -17.97 -23.72
N GLY A 104 2.93 -18.41 -22.76
CA GLY A 104 2.88 -19.82 -22.37
C GLY A 104 2.50 -20.72 -23.54
N GLN A 105 1.46 -20.31 -24.27
CA GLN A 105 1.02 -21.02 -25.49
C GLN A 105 2.19 -21.20 -26.46
N TYR A 106 2.91 -20.10 -26.73
CA TYR A 106 4.08 -20.13 -27.61
C TYR A 106 5.09 -21.17 -27.15
N GLN A 107 5.48 -21.10 -25.88
CA GLN A 107 6.46 -22.03 -25.31
C GLN A 107 6.11 -23.48 -25.56
N LEU A 108 4.83 -23.83 -25.38
CA LEU A 108 4.39 -25.22 -25.56
C LEU A 108 4.42 -25.68 -27.02
N GLY A 109 4.01 -24.82 -27.95
CA GLY A 109 4.07 -25.14 -29.38
C GLY A 109 5.40 -24.89 -30.07
N HIS A 110 6.47 -24.61 -29.31
CA HIS A 110 7.77 -24.26 -29.88
C HIS A 110 8.95 -24.91 -29.11
N GLY A 111 8.72 -26.09 -28.55
CA GLY A 111 9.78 -26.89 -27.93
C GLY A 111 10.14 -26.64 -26.48
N GLN A 112 9.87 -25.43 -25.97
CA GLN A 112 10.13 -25.08 -24.56
C GLN A 112 9.05 -25.64 -23.65
N LYS A 113 9.10 -26.95 -23.40
CA LYS A 113 8.07 -27.65 -22.63
C LYS A 113 8.20 -27.39 -21.13
N ALA A 114 9.43 -27.53 -20.62
CA ALA A 114 9.73 -27.24 -19.22
C ALA A 114 9.31 -25.83 -18.81
N GLU A 115 9.61 -24.86 -19.68
CA GLU A 115 9.31 -23.46 -19.42
C GLU A 115 7.82 -23.14 -19.63
N GLY A 116 7.18 -23.87 -20.55
CA GLY A 116 5.73 -23.81 -20.71
C GLY A 116 4.96 -24.36 -19.52
N TYR A 117 5.47 -25.43 -18.92
CA TYR A 117 4.87 -26.01 -17.71
C TYR A 117 5.04 -25.11 -16.50
N ALA A 118 6.23 -24.54 -16.35
CA ALA A 118 6.50 -23.58 -15.27
C ALA A 118 5.59 -22.35 -15.37
N THR A 119 5.45 -21.83 -16.59
CA THR A 119 4.57 -20.68 -16.90
C THR A 119 3.11 -21.02 -16.60
N SER A 120 2.65 -22.16 -17.12
CA SER A 120 1.27 -22.60 -16.91
C SER A 120 0.96 -22.78 -15.43
N GLU A 121 1.83 -23.52 -14.73
CA GLU A 121 1.65 -23.75 -13.30
C GLU A 121 1.65 -22.45 -12.49
N ARG A 122 2.61 -21.57 -12.75
CA ARG A 122 2.72 -20.25 -12.09
C ARG A 122 1.46 -19.39 -12.27
N LEU A 123 0.89 -19.43 -13.48
CA LEU A 123 -0.36 -18.72 -13.79
C LEU A 123 -1.61 -19.46 -13.27
N TRP A 124 -1.51 -20.78 -13.15
CA TRP A 124 -2.58 -21.61 -12.57
C TRP A 124 -2.70 -21.42 -11.05
N LEU A 125 -1.59 -21.52 -10.32
CA LEU A 125 -1.60 -21.44 -8.85
C LEU A 125 -1.86 -20.00 -8.36
N VAL A 126 -3.12 -19.60 -8.50
CA VAL A 126 -3.57 -18.23 -8.38
C VAL A 126 -5.05 -18.32 -7.98
N GLY A 127 -5.39 -17.71 -6.84
CA GLY A 127 -6.73 -17.83 -6.25
C GLY A 127 -7.85 -17.00 -6.86
N LYS A 128 -7.57 -16.30 -7.96
CA LYS A 128 -8.57 -15.55 -8.70
C LYS A 128 -8.73 -16.16 -10.07
N SER A 129 -9.74 -15.68 -10.81
CA SER A 129 -9.93 -16.06 -12.20
C SER A 129 -8.94 -15.32 -13.10
N GLN A 130 -8.48 -16.02 -14.14
CA GLN A 130 -7.53 -15.48 -15.09
C GLN A 130 -8.23 -15.18 -16.42
N PRO A 131 -7.59 -14.38 -17.31
CA PRO A 131 -8.17 -14.11 -18.63
C PRO A 131 -8.47 -15.37 -19.44
N ALA A 132 -9.41 -15.26 -20.36
CA ALA A 132 -9.80 -16.38 -21.24
C ALA A 132 -8.63 -16.96 -22.05
N ALA A 133 -7.63 -16.14 -22.35
CA ALA A 133 -6.37 -16.62 -22.96
C ALA A 133 -5.71 -17.74 -22.18
N CYS A 134 -5.86 -17.69 -20.86
CA CYS A 134 -5.29 -18.72 -19.97
C CYS A 134 -6.06 -20.03 -19.99
N ASP A 135 -7.36 -19.99 -20.23
CA ASP A 135 -8.14 -21.21 -20.40
C ASP A 135 -7.58 -22.02 -21.57
N THR A 136 -7.23 -21.33 -22.65
CA THR A 136 -6.50 -21.94 -23.76
C THR A 136 -5.18 -22.57 -23.30
N LEU A 137 -4.38 -21.81 -22.55
CA LEU A 137 -3.09 -22.31 -22.05
C LEU A 137 -3.28 -23.50 -21.10
N PHE A 138 -4.13 -23.32 -20.10
CA PHE A 138 -4.45 -24.38 -19.14
C PHE A 138 -4.98 -25.63 -19.82
N GLY A 139 -5.73 -25.45 -20.92
CA GLY A 139 -6.20 -26.56 -21.74
C GLY A 139 -5.06 -27.37 -22.34
N LEU A 140 -4.13 -26.69 -23.00
CA LEU A 140 -2.94 -27.32 -23.55
C LEU A 140 -2.12 -28.02 -22.47
N TRP A 141 -1.97 -27.35 -21.33
CA TRP A 141 -1.21 -27.84 -20.18
C TRP A 141 -1.79 -29.13 -19.61
N GLN A 142 -3.10 -29.11 -19.42
CA GLN A 142 -3.89 -30.28 -19.00
C GLN A 142 -3.79 -31.40 -20.04
N GLY A 143 -3.94 -31.04 -21.31
CA GLY A 143 -3.78 -31.96 -22.45
C GLY A 143 -2.51 -32.80 -22.45
N GLU A 144 -1.44 -32.27 -21.87
CA GLU A 144 -0.20 -33.03 -21.64
C GLU A 144 -0.15 -33.61 -20.22
N GLY A 145 -1.32 -33.88 -19.64
CA GLY A 145 -1.45 -34.49 -18.31
C GLY A 145 -0.67 -33.88 -17.15
N GLN A 146 -0.48 -32.56 -17.17
CA GLN A 146 0.23 -31.87 -16.10
C GLN A 146 -0.71 -31.31 -15.03
N LEU A 147 -2.00 -31.21 -15.36
CA LEU A 147 -3.03 -30.74 -14.41
C LEU A 147 -3.49 -31.88 -13.50
N THR A 148 -2.64 -32.22 -12.53
CA THR A 148 -2.88 -33.33 -11.60
C THR A 148 -3.89 -32.87 -10.55
N GLU A 149 -4.52 -33.83 -9.87
CA GLU A 149 -5.50 -33.51 -8.82
C GLU A 149 -4.89 -32.65 -7.72
N GLU A 150 -3.63 -32.90 -7.38
CA GLU A 150 -2.90 -32.07 -6.41
C GLU A 150 -2.94 -30.58 -6.78
N LYS A 151 -2.68 -30.27 -8.05
CA LYS A 151 -2.58 -28.88 -8.49
C LYS A 151 -3.92 -28.16 -8.59
N VAL A 152 -4.97 -28.88 -8.99
CA VAL A 152 -6.34 -28.35 -8.87
C VAL A 152 -6.76 -28.19 -7.40
N TRP A 153 -6.37 -29.13 -6.54
CA TRP A 153 -6.61 -28.99 -5.11
C TRP A 153 -5.89 -27.76 -4.54
N LYS A 154 -4.65 -27.54 -4.95
CA LYS A 154 -3.85 -26.40 -4.45
C LYS A 154 -4.44 -25.05 -4.83
N ARG A 155 -4.91 -24.91 -6.08
CA ARG A 155 -5.62 -23.70 -6.51
C ARG A 155 -6.96 -23.52 -5.77
N LEU A 156 -7.63 -24.64 -5.49
CA LEU A 156 -8.87 -24.62 -4.70
C LEU A 156 -8.62 -23.98 -3.34
N LYS A 157 -7.50 -24.34 -2.72
CA LYS A 157 -7.10 -23.77 -1.44
C LYS A 157 -6.91 -22.26 -1.53
N LEU A 158 -6.23 -21.83 -2.60
CA LEU A 158 -5.97 -20.41 -2.83
C LEU A 158 -7.25 -19.61 -3.09
N ALA A 159 -8.16 -20.19 -3.88
CA ALA A 159 -9.43 -19.55 -4.20
C ALA A 159 -10.33 -19.35 -2.97
N ALA A 160 -10.33 -20.34 -2.07
CA ALA A 160 -11.02 -20.23 -0.79
C ALA A 160 -10.34 -19.24 0.14
N GLU A 161 -9.01 -19.27 0.18
CA GLU A 161 -8.22 -18.25 0.89
C GLU A 161 -8.50 -16.82 0.39
N ALA A 162 -8.72 -16.70 -0.92
CA ALA A 162 -9.05 -15.41 -1.54
C ALA A 162 -10.53 -15.02 -1.42
N ARG A 163 -11.35 -15.87 -0.79
CA ARG A 163 -12.80 -15.70 -0.67
C ARG A 163 -13.57 -15.68 -2.00
N ASN A 164 -12.99 -16.30 -3.04
N ASN A 164 -12.99 -16.29 -3.04
CA ASN A 164 -13.62 -16.40 -4.36
CA ASN A 164 -13.62 -16.41 -4.36
C ASN A 164 -14.22 -17.77 -4.48
C ASN A 164 -14.23 -17.79 -4.47
N TYR A 165 -15.43 -17.92 -3.92
CA TYR A 165 -16.06 -19.23 -3.72
C TYR A 165 -16.72 -19.83 -4.98
N SER A 166 -17.08 -18.99 -5.95
CA SER A 166 -17.58 -19.49 -7.24
C SER A 166 -16.48 -20.24 -7.99
N LEU A 167 -15.30 -19.61 -8.07
CA LEU A 167 -14.09 -20.26 -8.59
C LEU A 167 -13.79 -21.50 -7.80
N ALA A 168 -13.64 -21.36 -6.48
CA ALA A 168 -13.36 -22.48 -5.58
C ALA A 168 -14.30 -23.68 -5.76
N SER A 169 -15.59 -23.39 -5.95
CA SER A 169 -16.60 -24.44 -6.15
C SER A 169 -16.49 -25.10 -7.51
N HIS A 170 -16.25 -24.30 -8.57
CA HIS A 170 -15.99 -24.84 -9.91
C HIS A 170 -14.78 -25.81 -9.88
N LEU A 171 -13.73 -25.43 -9.16
CA LEU A 171 -12.57 -26.30 -8.96
C LEU A 171 -12.91 -27.54 -8.14
N ALA A 172 -13.82 -27.41 -7.18
CA ALA A 172 -14.29 -28.55 -6.36
C ALA A 172 -15.06 -29.60 -7.17
N GLN A 173 -15.80 -29.16 -8.19
CA GLN A 173 -16.53 -30.05 -9.09
C GLN A 173 -15.65 -30.64 -10.19
N ARG A 174 -14.34 -30.38 -10.13
CA ARG A 174 -13.35 -30.97 -11.04
C ARG A 174 -12.38 -31.92 -10.32
N LEU A 175 -12.68 -32.24 -9.06
CA LEU A 175 -11.87 -33.18 -8.29
C LEU A 175 -12.42 -34.59 -8.52
N PRO A 176 -11.59 -35.50 -9.07
CA PRO A 176 -12.05 -36.88 -9.30
C PRO A 176 -12.28 -37.70 -8.01
N THR A 177 -11.36 -37.59 -7.05
CA THR A 177 -11.42 -38.38 -5.80
C THR A 177 -11.65 -37.52 -4.55
N LEU A 178 -11.25 -36.25 -4.59
CA LEU A 178 -11.28 -35.37 -3.42
C LEU A 178 -12.49 -34.42 -3.37
N GLY A 179 -13.51 -34.68 -4.19
CA GLY A 179 -14.70 -33.83 -4.26
C GLY A 179 -15.38 -33.54 -2.93
N ASN A 180 -15.32 -34.51 -2.00
CA ASN A 180 -15.92 -34.35 -0.67
C ASN A 180 -15.22 -33.32 0.18
N GLN A 181 -13.90 -33.38 0.27
CA GLN A 181 -13.15 -32.42 1.09
C GLN A 181 -13.04 -31.05 0.41
N GLY A 182 -13.25 -31.02 -0.92
CA GLY A 182 -13.35 -29.78 -1.67
C GLY A 182 -14.58 -28.98 -1.30
N ALA A 183 -15.73 -29.65 -1.30
CA ALA A 183 -16.98 -29.03 -0.82
C ALA A 183 -16.83 -28.62 0.65
N LEU A 184 -16.18 -29.47 1.43
CA LEU A 184 -15.94 -29.23 2.85
C LEU A 184 -15.05 -27.99 3.07
N MET A 185 -14.04 -27.83 2.22
CA MET A 185 -13.14 -26.68 2.30
C MET A 185 -13.86 -25.37 2.07
N VAL A 186 -14.80 -25.33 1.12
CA VAL A 186 -15.55 -24.12 0.84
C VAL A 186 -16.51 -23.82 1.98
N SER A 187 -17.11 -24.86 2.56
CA SER A 187 -17.98 -24.71 3.74
C SER A 187 -17.24 -24.07 4.91
N VAL A 188 -16.11 -24.67 5.27
CA VAL A 188 -15.25 -24.19 6.35
C VAL A 188 -14.73 -22.78 6.07
N ALA A 189 -14.32 -22.52 4.84
CA ALA A 189 -13.85 -21.18 4.46
C ALA A 189 -14.93 -20.12 4.70
N GLN A 190 -16.18 -20.48 4.43
CA GLN A 190 -17.31 -19.58 4.65
C GLN A 190 -17.72 -19.45 6.13
N ASN A 191 -17.65 -20.54 6.88
CA ASN A 191 -17.87 -20.51 8.32
C ASN A 191 -16.92 -21.48 9.02
N PRO A 192 -15.77 -20.98 9.52
CA PRO A 192 -14.81 -21.87 10.17
C PRO A 192 -15.17 -22.27 11.60
N ALA A 193 -16.20 -21.65 12.17
CA ALA A 193 -16.75 -22.08 13.46
C ALA A 193 -17.24 -23.53 13.48
N GLN A 194 -17.58 -24.07 12.30
CA GLN A 194 -17.93 -25.49 12.15
C GLN A 194 -16.88 -26.47 12.68
N LEU A 195 -15.61 -26.04 12.72
CA LEU A 195 -14.55 -26.85 13.32
C LEU A 195 -14.74 -27.17 14.82
N SER A 196 -15.72 -26.51 15.46
CA SER A 196 -16.25 -26.93 16.77
C SER A 196 -16.69 -28.39 16.81
N GLN A 197 -17.19 -28.88 15.69
CA GLN A 197 -17.62 -30.27 15.56
C GLN A 197 -16.43 -31.12 15.16
N THR A 198 -15.56 -31.37 16.14
CA THR A 198 -14.32 -32.13 15.90
C THR A 198 -14.57 -33.50 15.29
N GLY A 199 -15.64 -34.17 15.73
CA GLY A 199 -16.08 -35.44 15.16
C GLY A 199 -16.20 -35.46 13.64
N ARG A 200 -16.75 -34.39 13.08
CA ARG A 200 -16.96 -34.29 11.62
C ARG A 200 -15.67 -34.02 10.81
N PHE A 201 -14.66 -33.41 11.44
CA PHE A 201 -13.39 -33.09 10.78
C PHE A 201 -12.21 -33.88 11.38
N SER A 202 -12.41 -35.18 11.59
CA SER A 202 -11.38 -36.03 12.18
C SER A 202 -10.80 -37.11 11.26
N GLN A 203 -11.28 -37.19 10.01
CA GLN A 203 -10.73 -38.14 9.02
C GLN A 203 -9.24 -37.85 8.80
N ARG A 204 -8.38 -38.73 9.32
CA ARG A 204 -6.92 -38.51 9.37
C ARG A 204 -6.20 -38.67 8.01
N ASP A 205 -6.46 -37.73 7.09
CA ASP A 205 -5.76 -37.67 5.80
C ASP A 205 -5.30 -36.25 5.49
N HIS A 206 -4.48 -36.12 4.44
CA HIS A 206 -3.84 -34.84 4.09
C HIS A 206 -4.81 -33.72 3.68
N ALA A 207 -5.89 -34.08 2.99
CA ALA A 207 -6.85 -33.07 2.50
C ALA A 207 -7.68 -32.49 3.65
N THR A 208 -8.20 -33.36 4.51
CA THR A 208 -8.93 -32.93 5.71
C THR A 208 -8.06 -31.98 6.55
N ALA A 209 -6.79 -32.33 6.71
CA ALA A 209 -5.83 -31.44 7.38
C ALA A 209 -5.70 -30.11 6.66
N ASP A 210 -5.63 -30.12 5.33
CA ASP A 210 -5.63 -28.89 4.54
C ASP A 210 -6.82 -27.97 4.86
N VAL A 211 -8.01 -28.55 5.03
CA VAL A 211 -9.25 -27.75 5.27
C VAL A 211 -9.30 -27.23 6.71
N VAL A 212 -8.96 -28.08 7.66
CA VAL A 212 -8.94 -27.69 9.07
C VAL A 212 -7.89 -26.59 9.29
N GLY A 213 -6.77 -26.68 8.57
CA GLY A 213 -5.73 -25.65 8.61
C GLY A 213 -6.21 -24.31 8.07
N LEU A 214 -6.89 -24.34 6.93
CA LEU A 214 -7.48 -23.14 6.36
C LEU A 214 -8.49 -22.53 7.33
N GLY A 215 -9.34 -23.39 7.90
CA GLY A 215 -10.35 -22.98 8.86
C GLY A 215 -9.78 -22.34 10.13
N LEU A 216 -8.80 -23.01 10.74
CA LEU A 216 -8.18 -22.48 11.95
C LEU A 216 -7.55 -21.12 11.71
N ARG A 217 -6.93 -20.94 10.54
CA ARG A 217 -6.31 -19.66 10.19
C ARG A 217 -7.34 -18.56 10.00
N ARG A 218 -8.46 -18.89 9.36
CA ARG A 218 -9.53 -17.93 9.16
C ARG A 218 -10.25 -17.61 10.48
N LEU A 219 -10.56 -18.66 11.24
CA LEU A 219 -11.19 -18.53 12.56
C LEU A 219 -10.37 -17.66 13.51
N ALA A 220 -9.04 -17.76 13.40
CA ALA A 220 -8.12 -16.96 14.22
C ALA A 220 -8.40 -15.47 14.18
N ARG A 221 -8.78 -14.93 13.03
CA ARG A 221 -9.06 -13.51 12.89
C ARG A 221 -10.23 -13.08 13.78
N GLN A 222 -11.28 -13.90 13.83
CA GLN A 222 -12.54 -13.53 14.52
C GLN A 222 -12.67 -14.10 15.94
N ASP A 223 -12.32 -15.37 16.12
CA ASP A 223 -12.37 -16.02 17.43
C ASP A 223 -11.05 -16.77 17.69
N PRO A 224 -9.98 -16.04 18.03
CA PRO A 224 -8.70 -16.68 18.29
C PRO A 224 -8.71 -17.62 19.50
N GLU A 225 -9.55 -17.30 20.48
CA GLU A 225 -9.68 -18.12 21.68
CA GLU A 225 -9.71 -18.13 21.69
C GLU A 225 -10.12 -19.54 21.31
N LYS A 226 -11.16 -19.63 20.48
CA LYS A 226 -11.70 -20.91 20.01
C LYS A 226 -10.69 -21.70 19.19
N ALA A 227 -9.92 -20.97 18.37
CA ALA A 227 -8.92 -21.60 17.48
C ALA A 227 -7.76 -22.20 18.26
N LEU A 228 -7.29 -21.47 19.27
CA LEU A 228 -6.24 -21.96 20.18
C LEU A 228 -6.64 -23.28 20.84
N SER A 229 -7.89 -23.34 21.29
CA SER A 229 -8.47 -24.54 21.89
C SER A 229 -8.49 -25.70 20.92
N LEU A 230 -9.02 -25.45 19.73
CA LEU A 230 -9.16 -26.50 18.70
C LEU A 230 -7.84 -26.98 18.11
N LEU A 231 -6.82 -26.12 18.10
CA LEU A 231 -5.48 -26.49 17.67
C LEU A 231 -4.97 -27.68 18.46
N ASP A 232 -5.13 -27.59 19.79
CA ASP A 232 -4.69 -28.63 20.73
C ASP A 232 -5.33 -29.98 20.42
N TYR A 233 -6.62 -29.98 20.07
CA TYR A 233 -7.26 -31.20 19.58
C TYR A 233 -6.66 -31.59 18.22
N TYR A 234 -6.84 -30.72 17.22
CA TYR A 234 -6.62 -31.09 15.81
C TYR A 234 -5.19 -31.51 15.45
N SER A 235 -4.20 -31.02 16.19
CA SER A 235 -2.80 -31.37 15.95
C SER A 235 -2.48 -32.85 16.26
N SER A 236 -3.20 -33.45 17.21
CA SER A 236 -3.16 -34.90 17.42
C SER A 236 -3.91 -35.62 16.32
N ALA A 237 -5.17 -35.23 16.13
CA ALA A 237 -6.12 -35.93 15.25
C ALA A 237 -5.72 -35.99 13.78
N LEU A 238 -5.03 -34.97 13.28
CA LEU A 238 -4.78 -34.83 11.85
C LEU A 238 -3.29 -34.78 11.50
N PRO A 239 -2.95 -35.19 10.26
CA PRO A 239 -1.57 -35.18 9.80
C PRO A 239 -1.15 -33.82 9.22
N PHE A 240 -1.09 -32.79 10.07
CA PHE A 240 -0.56 -31.49 9.66
C PHE A 240 0.94 -31.60 9.41
N SER A 241 1.42 -30.99 8.33
CA SER A 241 2.86 -30.79 8.15
C SER A 241 3.35 -29.75 9.14
N SER A 242 4.66 -29.67 9.34
CA SER A 242 5.22 -28.69 10.25
C SER A 242 5.01 -27.26 9.73
N ASP A 243 5.23 -27.06 8.44
CA ASP A 243 4.98 -25.75 7.80
C ASP A 243 3.51 -25.32 7.88
N GLU A 244 2.59 -26.27 7.75
CA GLU A 244 1.16 -26.00 7.96
C GLU A 244 0.87 -25.57 9.41
N LYS A 245 1.53 -26.22 10.37
CA LYS A 245 1.34 -25.90 11.80
C LYS A 245 1.82 -24.50 12.20
N VAL A 246 2.97 -24.06 11.67
CA VAL A 246 3.49 -22.73 12.03
C VAL A 246 2.61 -21.61 11.46
N ALA A 247 2.08 -21.83 10.26
CA ALA A 247 1.14 -20.89 9.64
C ALA A 247 -0.15 -20.67 10.48
N ILE A 248 -0.59 -21.73 11.17
CA ILE A 248 -1.74 -21.64 12.07
C ILE A 248 -1.33 -20.87 13.33
N ALA A 249 -0.23 -21.31 13.94
CA ALA A 249 0.32 -20.64 15.13
C ALA A 249 0.58 -19.15 14.88
N ARG A 250 1.02 -18.82 13.67
CA ARG A 250 1.22 -17.43 13.25
C ARG A 250 -0.06 -16.61 13.40
N GLU A 251 -1.13 -17.07 12.76
CA GLU A 251 -2.39 -16.32 12.73
C GLU A 251 -3.07 -16.25 14.09
N ILE A 252 -3.04 -17.36 14.84
CA ILE A 252 -3.62 -17.41 16.19
C ILE A 252 -2.80 -16.53 17.14
N GLY A 253 -1.49 -16.68 17.06
CA GLY A 253 -0.54 -15.88 17.83
C GLY A 253 -0.71 -14.39 17.60
N LEU A 254 -0.72 -13.97 16.34
CA LEU A 254 -0.87 -12.55 16.00
C LEU A 254 -2.22 -11.98 16.42
N SER A 255 -3.26 -12.80 16.32
CA SER A 255 -4.61 -12.36 16.65
C SER A 255 -4.79 -12.20 18.17
N LEU A 256 -4.25 -13.15 18.93
CA LEU A 256 -4.22 -13.04 20.40
C LEU A 256 -3.32 -11.91 20.87
N ALA A 257 -2.16 -11.76 20.24
CA ALA A 257 -1.24 -10.70 20.59
C ALA A 257 -1.89 -9.32 20.41
N LYS A 258 -2.66 -9.15 19.33
CA LYS A 258 -3.34 -7.88 19.05
C LYS A 258 -4.49 -7.56 20.01
N ARG A 259 -5.00 -8.59 20.71
CA ARG A 259 -5.92 -8.44 21.84
C ARG A 259 -5.26 -8.38 23.23
N PHE A 260 -3.92 -8.40 23.25
CA PHE A 260 -3.14 -8.29 24.50
C PHE A 260 -3.40 -9.46 25.46
N ASP A 261 -3.58 -10.64 24.86
CA ASP A 261 -3.73 -11.89 25.56
C ASP A 261 -2.33 -12.48 25.69
N PRO A 262 -1.85 -12.73 26.92
CA PRO A 262 -0.51 -13.26 27.09
C PRO A 262 -0.32 -14.73 26.68
N ARG A 263 -1.41 -15.45 26.40
CA ARG A 263 -1.31 -16.85 25.94
C ARG A 263 -0.66 -17.02 24.56
N ALA A 264 -0.58 -15.91 23.81
CA ALA A 264 0.17 -15.83 22.57
C ALA A 264 1.66 -16.08 22.74
N LEU A 265 2.21 -15.67 23.88
CA LEU A 265 3.66 -15.71 24.09
C LEU A 265 4.28 -17.11 24.08
N PRO A 266 3.70 -18.08 24.82
CA PRO A 266 4.21 -19.45 24.69
C PRO A 266 4.02 -20.07 23.30
N LEU A 267 2.94 -19.71 22.61
CA LEU A 267 2.67 -20.20 21.26
C LEU A 267 3.67 -19.65 20.24
N MET A 268 3.79 -18.33 20.19
CA MET A 268 4.74 -17.65 19.29
C MET A 268 6.17 -18.12 19.50
N THR A 269 6.54 -18.29 20.77
CA THR A 269 7.86 -18.78 21.18
C THR A 269 8.14 -20.22 20.74
N GLN A 270 7.14 -21.09 20.85
CA GLN A 270 7.26 -22.50 20.43
C GLN A 270 7.41 -22.64 18.92
N TYR A 271 6.58 -21.93 18.16
CA TYR A 271 6.49 -22.13 16.71
C TYR A 271 7.38 -21.19 15.87
N ASP A 272 7.96 -20.17 16.46
CA ASP A 272 8.99 -19.37 15.78
C ASP A 272 10.10 -18.99 16.76
N PRO A 273 10.82 -20.00 17.29
CA PRO A 273 11.94 -19.76 18.20
C PRO A 273 13.14 -19.07 17.55
N GLY A 274 13.32 -19.32 16.24
CA GLY A 274 14.39 -18.69 15.47
C GLY A 274 14.21 -17.23 15.10
N LEU A 275 13.00 -16.68 15.34
CA LEU A 275 12.65 -15.30 14.94
C LEU A 275 12.78 -15.11 13.41
N ARG A 276 12.28 -16.10 12.67
CA ARG A 276 12.30 -16.09 11.21
C ARG A 276 11.19 -15.25 10.59
N ASP A 277 10.10 -15.02 11.33
CA ASP A 277 8.95 -14.23 10.87
C ASP A 277 8.96 -12.87 11.56
N ASN A 278 9.39 -11.85 10.82
CA ASN A 278 9.40 -10.46 11.30
C ASN A 278 8.12 -10.04 12.05
N THR A 279 6.98 -10.23 11.40
CA THR A 279 5.68 -9.81 11.95
C THR A 279 5.38 -10.48 13.30
N VAL A 280 5.75 -11.76 13.44
CA VAL A 280 5.59 -12.48 14.71
C VAL A 280 6.57 -11.91 15.74
N THR A 281 7.81 -11.68 15.32
CA THR A 281 8.85 -11.18 16.20
C THR A 281 8.51 -9.78 16.74
N GLU A 282 8.03 -8.91 15.85
CA GLU A 282 7.62 -7.56 16.23
C GLU A 282 6.48 -7.61 17.26
N TRP A 283 5.43 -8.37 16.96
CA TRP A 283 4.26 -8.46 17.86
C TRP A 283 4.49 -9.20 19.16
N ARG A 284 5.43 -10.14 19.19
CA ARG A 284 5.88 -10.72 20.45
C ARG A 284 6.40 -9.60 21.35
N THR A 285 7.26 -8.76 20.78
CA THR A 285 7.85 -7.64 21.50
C THR A 285 6.80 -6.59 21.85
N ARG A 286 5.94 -6.25 20.88
CA ARG A 286 4.86 -5.30 21.14
C ARG A 286 4.01 -5.78 22.31
N LEU A 287 3.70 -7.08 22.33
CA LEU A 287 2.88 -7.68 23.38
C LEU A 287 3.54 -7.59 24.76
N LEU A 288 4.81 -7.93 24.83
CA LEU A 288 5.57 -7.79 26.08
C LEU A 288 5.51 -6.34 26.60
N LEU A 289 5.74 -5.38 25.70
CA LEU A 289 5.66 -3.96 26.05
C LEU A 289 4.30 -3.56 26.63
N ARG A 290 3.21 -4.07 26.06
CA ARG A 290 1.87 -3.77 26.58
C ARG A 290 1.64 -4.34 27.97
N LEU A 291 2.24 -5.49 28.27
CA LEU A 291 2.08 -6.16 29.56
C LEU A 291 3.02 -5.66 30.65
N GLY A 292 3.91 -4.73 30.30
CA GLY A 292 4.85 -4.16 31.25
C GLY A 292 6.03 -5.07 31.55
N ARG A 293 6.28 -6.01 30.65
CA ARG A 293 7.31 -7.04 30.83
C ARG A 293 8.60 -6.62 30.13
N TRP A 294 9.17 -5.57 30.70
CA TRP A 294 10.27 -4.81 30.11
C TRP A 294 11.55 -5.63 29.93
N ASP A 295 11.82 -6.49 30.91
CA ASP A 295 12.99 -7.38 30.87
C ASP A 295 12.98 -8.29 29.63
N GLU A 296 11.90 -9.04 29.43
CA GLU A 296 11.77 -9.90 28.25
C GLU A 296 11.80 -9.11 26.95
N ALA A 297 11.17 -7.94 26.97
CA ALA A 297 11.13 -7.07 25.79
C ALA A 297 12.56 -6.74 25.36
N TYR A 298 13.32 -6.17 26.29
CA TYR A 298 14.71 -5.81 26.06
C TYR A 298 15.53 -6.98 25.54
N ALA A 299 15.46 -8.10 26.24
CA ALA A 299 16.16 -9.32 25.84
C ALA A 299 15.86 -9.64 24.38
N LEU A 300 14.58 -9.61 24.04
CA LEU A 300 14.14 -9.89 22.67
C LEU A 300 14.71 -8.86 21.67
N THR A 301 14.74 -7.58 22.03
CA THR A 301 15.31 -6.54 21.14
C THR A 301 16.79 -6.76 20.83
N ARG A 302 17.51 -7.47 21.70
CA ARG A 302 18.93 -7.81 21.49
C ARG A 302 19.16 -9.04 20.58
N LYS A 303 18.12 -9.84 20.31
CA LYS A 303 18.21 -11.03 19.46
C LYS A 303 17.74 -10.82 18.02
N LEU A 304 17.36 -9.60 17.66
CA LEU A 304 16.64 -9.38 16.41
C LEU A 304 17.50 -9.66 15.20
N PRO A 305 16.89 -10.10 14.07
CA PRO A 305 17.65 -10.15 12.82
C PRO A 305 18.20 -8.77 12.46
N GLN A 306 19.19 -8.75 11.57
CA GLN A 306 19.86 -7.49 11.23
C GLN A 306 18.89 -6.45 10.64
N ASP A 307 17.92 -6.88 9.83
CA ASP A 307 17.02 -5.94 9.15
C ASP A 307 15.99 -5.26 10.08
N LEU A 308 15.57 -5.94 11.15
CA LEU A 308 14.76 -5.32 12.21
C LEU A 308 15.63 -4.48 13.17
N ALA A 309 16.80 -5.00 13.54
CA ALA A 309 17.74 -4.30 14.43
C ALA A 309 18.22 -2.95 13.90
N ALA A 310 18.28 -2.81 12.57
CA ALA A 310 18.70 -1.58 11.92
C ALA A 310 17.69 -0.44 12.05
N THR A 311 16.40 -0.76 12.14
CA THR A 311 15.35 0.25 12.15
C THR A 311 15.43 1.14 13.38
N SER A 312 14.93 2.36 13.26
CA SER A 312 14.87 3.29 14.37
C SER A 312 13.90 2.82 15.46
N ARG A 313 12.88 2.06 15.07
CA ARG A 313 11.92 1.46 16.01
C ARG A 313 12.58 0.63 17.11
N TRP A 314 13.28 -0.43 16.71
CA TRP A 314 13.81 -1.40 17.66
C TRP A 314 15.12 -0.98 18.27
N ARG A 315 15.73 0.07 17.71
CA ARG A 315 16.79 0.78 18.39
C ARG A 315 16.21 1.57 19.56
N TYR A 316 15.17 2.36 19.28
CA TYR A 316 14.44 3.08 20.35
C TYR A 316 13.95 2.12 21.40
N TRP A 317 13.23 1.09 20.96
CA TRP A 317 12.63 0.14 21.90
C TRP A 317 13.61 -0.74 22.65
N GLN A 318 14.83 -0.91 22.16
CA GLN A 318 15.88 -1.58 22.96
C GLN A 318 16.28 -0.69 24.13
N ALA A 319 16.50 0.59 23.84
CA ALA A 319 16.89 1.59 24.84
C ALA A 319 15.80 1.82 25.88
N ARG A 320 14.60 2.08 25.39
CA ARG A 320 13.45 2.39 26.25
C ARG A 320 13.03 1.19 27.13
N SER A 321 13.04 -0.01 26.55
CA SER A 321 12.74 -1.23 27.31
C SER A 321 13.75 -1.47 28.44
N LEU A 322 15.01 -1.16 28.19
CA LEU A 322 16.04 -1.20 29.22
C LEU A 322 15.82 -0.12 30.28
N GLN A 323 15.48 1.09 29.84
CA GLN A 323 15.22 2.22 30.75
C GLN A 323 14.01 1.98 31.66
N LEU A 324 13.00 1.30 31.14
CA LEU A 324 11.86 0.89 31.96
C LEU A 324 12.22 -0.24 32.92
N ALA A 325 13.06 -1.16 32.46
CA ALA A 325 13.52 -2.31 33.26
C ALA A 325 14.47 -1.90 34.37
N GLN A 326 15.49 -1.12 34.01
CA GLN A 326 16.48 -0.61 34.94
C GLN A 326 16.49 0.92 34.86
N PRO A 327 15.60 1.58 35.63
CA PRO A 327 15.49 3.05 35.50
C PRO A 327 16.76 3.80 35.89
N ASN A 328 17.54 3.24 36.81
CA ASN A 328 18.76 3.89 37.30
C ASN A 328 20.01 3.60 36.46
N SER A 329 19.90 2.70 35.49
CA SER A 329 20.99 2.45 34.54
C SER A 329 21.24 3.65 33.62
N LYS A 330 22.48 3.79 33.15
CA LYS A 330 22.86 4.83 32.18
C LYS A 330 23.13 4.30 30.76
N GLU A 331 23.17 2.97 30.58
CA GLU A 331 23.31 2.36 29.24
C GLU A 331 22.36 2.91 28.16
N PRO A 332 21.10 3.25 28.54
CA PRO A 332 20.21 3.91 27.59
C PRO A 332 20.64 5.28 27.07
N ILE A 333 21.33 6.10 27.86
CA ILE A 333 21.69 7.48 27.40
C ILE A 333 22.56 7.43 26.13
N ALA A 334 23.42 6.41 26.05
CA ALA A 334 24.25 6.18 24.87
C ALA A 334 23.39 5.75 23.68
N LEU A 335 22.49 4.81 23.92
CA LEU A 335 21.63 4.25 22.87
C LEU A 335 20.70 5.33 22.27
N TYR A 336 20.07 6.11 23.14
CA TYR A 336 19.29 7.28 22.72
C TYR A 336 20.13 8.31 21.96
N GLN A 337 21.40 8.45 22.32
CA GLN A 337 22.31 9.43 21.66
C GLN A 337 22.68 9.07 20.22
N LYS A 338 22.84 7.78 19.93
CA LYS A 338 23.04 7.32 18.54
C LYS A 338 21.83 7.66 17.67
N LEU A 339 20.66 7.56 18.30
CA LEU A 339 19.36 7.60 17.63
C LEU A 339 18.72 9.01 17.53
N ALA A 340 19.01 9.87 18.51
CA ALA A 340 18.40 11.20 18.59
C ALA A 340 18.76 12.16 17.44
N GLY A 341 19.78 11.82 16.65
CA GLY A 341 20.14 12.55 15.44
C GLY A 341 19.25 12.31 14.22
N GLU A 342 18.64 11.12 14.14
CA GLU A 342 17.72 10.80 13.02
C GLU A 342 16.49 11.71 13.03
N ARG A 343 15.99 12.01 11.84
CA ARG A 343 14.73 12.74 11.66
C ARG A 343 13.64 11.75 11.29
N ASP A 344 13.19 11.00 12.29
CA ASP A 344 11.92 10.27 12.21
C ASP A 344 11.24 10.28 13.58
N PHE A 345 10.10 9.56 13.68
CA PHE A 345 9.34 9.48 14.92
C PHE A 345 10.17 8.97 16.10
N TYR A 346 10.82 7.83 15.91
CA TYR A 346 11.62 7.22 16.97
C TYR A 346 12.87 8.05 17.28
N GLY A 347 13.40 8.74 16.27
CA GLY A 347 14.48 9.70 16.46
C GLY A 347 14.06 10.90 17.31
N PHE A 348 12.84 11.37 17.10
CA PHE A 348 12.26 12.41 17.95
C PHE A 348 12.00 11.90 19.37
N LEU A 349 11.53 10.66 19.51
CA LEU A 349 11.33 10.06 20.84
C LEU A 349 12.65 9.98 21.62
N ALA A 350 13.69 9.51 20.93
CA ALA A 350 15.04 9.43 21.52
C ALA A 350 15.53 10.79 22.03
N ALA A 351 15.35 11.83 21.20
CA ALA A 351 15.72 13.19 21.60
C ALA A 351 14.85 13.67 22.75
N ASP A 352 13.56 13.34 22.69
CA ASP A 352 12.64 13.65 23.77
C ASP A 352 12.99 12.94 25.09
N ARG A 353 13.56 11.74 24.99
CA ARG A 353 14.03 11.02 26.19
C ARG A 353 15.26 11.65 26.83
N LEU A 354 16.11 12.27 26.01
CA LEU A 354 17.28 12.99 26.51
C LEU A 354 17.00 14.44 26.88
N SER A 355 15.83 14.95 26.49
CA SER A 355 15.47 16.37 26.63
C SER A 355 16.45 17.27 25.89
N VAL A 356 16.73 16.90 24.64
CA VAL A 356 17.62 17.64 23.74
C VAL A 356 16.83 18.02 22.48
N PRO A 357 17.14 19.18 21.87
CA PRO A 357 16.46 19.60 20.63
C PRO A 357 16.47 18.57 19.50
N TYR A 358 15.39 18.56 18.70
CA TYR A 358 15.27 17.64 17.56
C TYR A 358 16.21 18.06 16.45
N LYS A 359 16.67 17.10 15.65
CA LYS A 359 17.42 17.38 14.43
C LYS A 359 16.47 17.31 13.23
N LEU A 360 16.13 18.47 12.69
CA LEU A 360 15.34 18.58 11.47
C LEU A 360 16.27 18.64 10.26
N GLY A 361 17.20 19.59 10.25
CA GLY A 361 18.29 19.64 9.27
C GLY A 361 17.85 19.72 7.82
N ASN A 362 17.17 20.81 7.47
CA ASN A 362 16.74 21.07 6.09
C ASN A 362 18.00 21.40 5.26
N ARG A 363 18.37 20.47 4.39
CA ARG A 363 19.54 20.63 3.51
C ARG A 363 19.15 20.24 2.08
N PRO A 364 18.51 21.15 1.33
CA PRO A 364 18.15 20.89 -0.07
C PRO A 364 19.34 20.39 -0.89
N ALA A 365 19.17 19.26 -1.58
CA ALA A 365 20.25 18.68 -2.40
C ALA A 365 20.57 19.59 -3.55
N HIS A 366 21.86 19.78 -3.83
CA HIS A 366 22.28 20.62 -4.94
C HIS A 366 22.42 19.76 -6.18
N ILE A 367 21.74 20.21 -7.22
CA ILE A 367 21.56 19.46 -8.45
C ILE A 367 22.58 19.92 -9.47
N ASP A 368 23.05 18.99 -10.31
CA ASP A 368 23.84 19.34 -11.48
C ASP A 368 22.89 20.09 -12.44
N PRO A 369 23.24 21.33 -12.86
CA PRO A 369 22.36 22.04 -13.81
C PRO A 369 22.18 21.35 -15.17
N ARG A 370 23.21 20.65 -15.63
CA ARG A 370 23.10 19.80 -16.85
C ARG A 370 22.03 18.73 -16.69
N VAL A 371 21.99 18.09 -15.52
CA VAL A 371 20.93 17.10 -15.20
C VAL A 371 19.55 17.77 -15.19
N LEU A 372 19.45 18.96 -14.59
CA LEU A 372 18.18 19.71 -14.57
C LEU A 372 17.69 19.99 -15.99
N GLN A 373 18.62 20.32 -16.90
CA GLN A 373 18.27 20.61 -18.30
C GLN A 373 17.84 19.35 -19.05
N ARG A 374 18.57 18.24 -18.87
CA ARG A 374 18.25 16.93 -19.47
C ARG A 374 16.82 16.46 -19.14
N VAL A 375 16.46 16.55 -17.86
CA VAL A 375 15.11 16.22 -17.38
C VAL A 375 14.06 17.20 -17.91
N ARG A 376 14.38 18.50 -17.89
CA ARG A 376 13.50 19.57 -18.39
C ARG A 376 13.26 19.49 -19.90
N ASN A 377 14.31 19.12 -20.65
CA ASN A 377 14.25 18.96 -22.13
C ASN A 377 13.82 17.56 -22.60
N ALA A 378 13.68 16.60 -21.69
CA ALA A 378 13.11 15.30 -22.04
C ALA A 378 11.69 15.52 -22.58
N ALA A 379 11.31 14.73 -23.59
CA ALA A 379 10.02 14.90 -24.26
C ALA A 379 8.84 14.58 -23.35
N SER A 380 9.01 13.54 -22.50
CA SER A 380 8.01 13.19 -21.46
C SER A 380 7.67 14.37 -20.53
N THR A 381 8.68 15.18 -20.22
CA THR A 381 8.50 16.40 -19.41
C THR A 381 7.78 17.49 -20.21
N ARG A 382 8.31 17.80 -21.40
CA ARG A 382 7.68 18.76 -22.33
C ARG A 382 6.18 18.48 -22.49
N ARG A 383 5.86 17.21 -22.72
CA ARG A 383 4.47 16.74 -22.80
C ARG A 383 3.69 16.99 -21.51
N ALA A 384 4.30 16.67 -20.37
CA ALA A 384 3.70 16.90 -19.05
C ALA A 384 3.52 18.39 -18.71
N MET A 385 4.51 19.20 -19.08
CA MET A 385 4.41 20.66 -18.97
C MET A 385 3.23 21.19 -19.76
N GLU A 386 3.13 20.75 -21.02
CA GLU A 386 2.08 21.22 -21.92
C GLU A 386 0.69 20.87 -21.40
N PHE A 387 0.49 19.61 -21.02
CA PHE A 387 -0.79 19.17 -20.40
C PHE A 387 -1.19 20.02 -19.17
N PHE A 388 -0.20 20.45 -18.40
CA PHE A 388 -0.39 21.33 -17.23
C PHE A 388 -0.88 22.73 -17.64
N ASN A 389 -0.18 23.34 -18.60
CA ASN A 389 -0.53 24.66 -19.15
C ASN A 389 -1.90 24.66 -19.83
N ARG A 390 -2.22 23.55 -20.51
CA ARG A 390 -3.54 23.33 -21.10
C ARG A 390 -4.64 23.14 -20.02
N GLY A 391 -4.26 22.57 -18.89
CA GLY A 391 -5.18 22.31 -17.78
C GLY A 391 -5.60 20.86 -17.66
N GLU A 392 -5.04 19.98 -18.51
CA GLU A 392 -5.23 18.53 -18.38
C GLU A 392 -4.35 18.03 -17.23
N VAL A 393 -4.98 17.81 -16.07
CA VAL A 393 -4.27 17.49 -14.83
C VAL A 393 -3.79 16.03 -14.83
N ILE A 394 -4.69 15.12 -15.19
CA ILE A 394 -4.42 13.68 -15.09
C ILE A 394 -3.36 13.26 -16.11
N ASN A 395 -3.44 13.86 -17.30
CA ASN A 395 -2.49 13.59 -18.38
C ASN A 395 -1.07 14.05 -18.02
N ALA A 396 -0.98 15.29 -17.52
CA ALA A 396 0.28 15.85 -17.00
C ALA A 396 0.83 15.01 -15.86
N ARG A 397 -0.07 14.56 -14.98
CA ARG A 397 0.28 13.69 -13.86
C ARG A 397 0.78 12.32 -14.33
N ARG A 398 0.09 11.73 -15.31
CA ARG A 398 0.44 10.41 -15.84
C ARG A 398 1.79 10.39 -16.55
N GLU A 399 2.02 11.39 -17.39
CA GLU A 399 3.32 11.59 -18.06
C GLU A 399 4.47 11.73 -17.06
N TRP A 400 4.20 12.40 -15.93
CA TRP A 400 5.17 12.61 -14.85
C TRP A 400 5.58 11.29 -14.19
N TYR A 401 4.58 10.49 -13.81
CA TYR A 401 4.82 9.25 -13.06
C TYR A 401 5.39 8.16 -13.94
N HIS A 402 5.03 8.16 -15.22
CA HIS A 402 5.60 7.21 -16.18
C HIS A 402 7.08 7.49 -16.48
N ALA A 403 7.44 8.77 -16.61
CA ALA A 403 8.85 9.17 -16.80
C ALA A 403 9.71 8.78 -15.59
N ALA A 404 9.16 8.95 -14.39
CA ALA A 404 9.82 8.63 -13.13
C ALA A 404 10.08 7.13 -12.91
N ARG A 405 9.31 6.28 -13.58
CA ARG A 405 9.47 4.82 -13.54
C ARG A 405 10.92 4.33 -13.74
N LEU A 406 11.68 4.97 -14.63
CA LEU A 406 13.07 4.56 -14.93
C LEU A 406 14.15 5.66 -14.90
N PHE A 407 13.87 6.80 -14.29
CA PHE A 407 14.92 7.81 -14.00
C PHE A 407 15.80 7.32 -12.84
N ASP A 408 17.09 7.65 -12.88
CA ASP A 408 18.04 7.33 -11.78
C ASP A 408 17.83 8.28 -10.57
N ARG A 409 18.67 8.18 -9.55
CA ARG A 409 18.49 8.98 -8.32
C ARG A 409 18.69 10.49 -8.52
N ASP A 410 19.66 10.87 -9.35
CA ASP A 410 19.92 12.28 -9.69
C ASP A 410 18.78 12.87 -10.52
N GLU A 411 18.35 12.12 -11.54
CA GLU A 411 17.25 12.53 -12.42
C GLU A 411 15.89 12.69 -11.70
N LEU A 412 15.66 11.89 -10.67
CA LEU A 412 14.41 11.97 -9.88
C LEU A 412 14.33 13.21 -8.99
N ILE A 413 15.47 13.60 -8.41
CA ILE A 413 15.58 14.81 -7.57
C ILE A 413 15.44 16.05 -8.47
N ALA A 414 16.08 16.00 -9.63
CA ALA A 414 15.96 17.05 -10.65
C ALA A 414 14.50 17.27 -11.05
N GLN A 415 13.80 16.16 -11.30
CA GLN A 415 12.37 16.19 -11.60
C GLN A 415 11.59 16.87 -10.47
N ALA A 416 11.85 16.44 -9.24
CA ALA A 416 11.15 16.94 -8.05
C ALA A 416 11.25 18.45 -7.83
N ARG A 417 12.41 19.04 -8.13
CA ARG A 417 12.58 20.49 -8.01
C ARG A 417 11.67 21.22 -8.98
N LEU A 418 11.72 20.83 -10.25
CA LEU A 418 10.90 21.44 -11.31
C LEU A 418 9.42 21.52 -10.94
N ALA A 419 8.88 20.45 -10.38
CA ALA A 419 7.47 20.40 -9.95
C ALA A 419 7.18 21.33 -8.77
N TYR A 420 8.13 21.42 -7.84
CA TYR A 420 8.04 22.33 -6.70
C TYR A 420 7.98 23.79 -7.15
N ASP A 421 8.85 24.16 -8.09
CA ASP A 421 8.90 25.51 -8.68
C ASP A 421 7.58 25.95 -9.34
N MET A 422 6.77 25.00 -9.80
CA MET A 422 5.45 25.29 -10.41
C MET A 422 4.28 25.23 -9.42
N GLN A 423 4.57 25.23 -8.11
CA GLN A 423 3.54 25.10 -7.06
C GLN A 423 2.68 23.84 -7.25
N TRP A 424 3.31 22.77 -7.72
CA TRP A 424 2.68 21.50 -7.97
C TRP A 424 3.30 20.57 -6.94
N TYR A 425 2.71 20.59 -5.75
CA TYR A 425 3.35 20.07 -4.55
C TYR A 425 3.37 18.55 -4.45
N PHE A 426 2.28 17.89 -4.84
CA PHE A 426 2.18 16.42 -4.69
C PHE A 426 3.17 15.65 -5.56
N PRO A 427 3.26 15.99 -6.87
CA PRO A 427 4.27 15.29 -7.71
C PRO A 427 5.72 15.58 -7.31
N ALA A 428 5.95 16.74 -6.72
CA ALA A 428 7.25 17.09 -6.14
C ALA A 428 7.55 16.19 -4.94
N ILE A 429 6.59 16.12 -4.01
CA ILE A 429 6.65 15.23 -2.85
C ILE A 429 6.82 13.76 -3.25
N ARG A 430 6.13 13.34 -4.31
CA ARG A 430 6.19 11.97 -4.80
C ARG A 430 7.54 11.61 -5.43
N SER A 431 8.03 12.50 -6.29
CA SER A 431 9.28 12.27 -7.02
C SER A 431 10.51 12.28 -6.10
N ILE A 432 10.56 13.24 -5.19
CA ILE A 432 11.67 13.35 -4.22
C ILE A 432 11.71 12.17 -3.24
N SER A 433 10.53 11.61 -2.94
CA SER A 433 10.41 10.46 -2.05
C SER A 433 10.98 9.18 -2.67
N GLN A 434 10.66 8.93 -3.94
CA GLN A 434 11.23 7.77 -4.65
C GLN A 434 12.70 7.96 -5.06
N ALA A 435 13.20 9.19 -4.99
CA ALA A 435 14.66 9.45 -5.01
C ALA A 435 15.33 9.11 -3.68
N GLN A 436 14.52 9.07 -2.62
CA GLN A 436 14.96 8.87 -1.23
C GLN A 436 15.90 9.96 -0.72
N TYR A 437 15.75 11.18 -1.24
CA TYR A 437 16.40 12.34 -0.68
C TYR A 437 15.44 12.95 0.33
N TRP A 438 15.63 12.57 1.59
CA TRP A 438 14.69 12.88 2.67
C TRP A 438 14.91 14.27 3.24
N ASP A 439 16.10 14.82 3.06
CA ASP A 439 16.52 16.04 3.76
C ASP A 439 15.98 17.35 3.18
N ASP A 440 15.34 17.33 2.01
CA ASP A 440 14.71 18.56 1.48
C ASP A 440 13.30 18.73 2.07
N LEU A 441 13.23 19.39 3.21
CA LEU A 441 11.97 19.60 3.92
C LEU A 441 11.11 20.71 3.31
N ASP A 442 11.71 21.57 2.49
CA ASP A 442 10.96 22.62 1.78
C ASP A 442 10.02 22.00 0.75
N ILE A 443 10.52 21.02 0.01
CA ILE A 443 9.74 20.24 -0.96
C ILE A 443 8.78 19.27 -0.26
N ARG A 444 9.31 18.44 0.65
CA ARG A 444 8.53 17.38 1.32
C ARG A 444 7.45 17.89 2.27
N PHE A 445 7.64 19.06 2.86
CA PHE A 445 6.69 19.64 3.80
C PHE A 445 6.37 21.07 3.41
N PRO A 446 5.61 21.22 2.30
CA PRO A 446 5.29 22.53 1.76
C PRO A 446 4.19 23.19 2.56
N MET A 447 4.00 24.48 2.30
CA MET A 447 3.05 25.32 3.03
C MET A 447 1.77 25.57 2.24
N ALA A 448 1.32 24.58 1.49
CA ALA A 448 0.15 24.72 0.64
C ALA A 448 -1.09 25.03 1.46
N HIS A 449 -1.84 26.05 1.02
CA HIS A 449 -3.09 26.48 1.65
C HIS A 449 -2.89 27.05 3.07
N ARG A 450 -1.72 27.68 3.29
CA ARG A 450 -1.36 28.26 4.59
C ARG A 450 -2.35 29.28 5.12
N ALA A 451 -2.88 30.13 4.24
CA ALA A 451 -3.89 31.13 4.62
C ALA A 451 -5.13 30.45 5.18
N THR A 452 -5.55 29.38 4.52
CA THR A 452 -6.72 28.62 4.90
C THR A 452 -6.49 27.95 6.26
N LEU A 453 -5.47 27.10 6.33
CA LEU A 453 -5.26 26.24 7.51
C LEU A 453 -5.04 27.02 8.80
N VAL A 454 -4.18 28.04 8.74
CA VAL A 454 -3.90 28.91 9.90
C VAL A 454 -5.18 29.51 10.47
N ARG A 455 -6.07 30.00 9.60
CA ARG A 455 -7.34 30.59 10.01
C ARG A 455 -8.31 29.56 10.58
N GLU A 456 -8.51 28.49 9.80
CA GLU A 456 -9.33 27.36 10.23
C GLU A 456 -8.93 26.72 11.53
N ALA A 457 -7.63 26.66 11.75
CA ALA A 457 -7.07 26.14 13.00
C ALA A 457 -7.41 27.06 14.19
N LYS A 458 -7.39 28.36 13.98
CA LYS A 458 -7.81 29.34 15.01
C LYS A 458 -9.30 29.21 15.32
N ASN A 459 -10.11 29.11 14.27
CA ASN A 459 -11.49 28.65 14.39
C ASN A 459 -11.39 27.22 14.87
N ARG A 460 -12.22 26.84 15.84
CA ARG A 460 -12.13 25.50 16.44
C ARG A 460 -10.71 25.35 17.04
N GLY A 461 -10.42 26.18 18.06
CA GLY A 461 -9.06 26.41 18.57
C GLY A 461 -8.10 25.23 18.60
N LEU A 462 -7.25 25.13 17.58
CA LEU A 462 -6.27 24.04 17.43
C LEU A 462 -4.88 24.57 17.07
N HIS A 463 -3.89 23.67 17.11
CA HIS A 463 -2.50 23.99 16.76
C HIS A 463 -2.47 24.05 15.23
N SER A 464 -1.92 25.11 14.66
CA SER A 464 -1.78 25.22 13.20
C SER A 464 -0.99 24.04 12.64
N SER A 465 0.07 23.66 13.36
CA SER A 465 0.95 22.55 12.99
C SER A 465 0.25 21.21 12.84
N TRP A 466 -0.75 20.95 13.68
CA TRP A 466 -1.47 19.66 13.65
C TRP A 466 -2.40 19.50 12.44
N ILE A 467 -3.04 20.60 12.01
CA ILE A 467 -3.88 20.57 10.80
C ILE A 467 -3.02 20.37 9.53
N PHE A 468 -1.89 21.07 9.47
CA PHE A 468 -0.89 20.85 8.42
C PHE A 468 -0.38 19.40 8.37
N ALA A 469 -0.18 18.80 9.53
CA ALA A 469 0.30 17.42 9.63
C ALA A 469 -0.71 16.42 9.08
N ILE A 470 -1.96 16.55 9.52
CA ILE A 470 -3.06 15.68 9.11
C ILE A 470 -3.22 15.68 7.58
N THR A 471 -3.30 16.86 6.97
CA THR A 471 -3.45 17.01 5.51
C THR A 471 -2.29 16.37 4.76
N ARG A 472 -1.07 16.74 5.13
CA ARG A 472 0.16 16.23 4.49
C ARG A 472 0.22 14.70 4.54
N GLN A 473 -0.17 14.13 5.69
CA GLN A 473 -0.26 12.67 5.81
C GLN A 473 -1.38 12.10 4.94
N GLN A 474 -2.58 12.68 5.07
CA GLN A 474 -3.79 12.20 4.35
C GLN A 474 -3.86 12.23 2.82
N SER A 475 -3.46 13.35 2.23
CA SER A 475 -3.42 13.51 0.76
C SER A 475 -2.04 13.72 0.15
N ALA A 476 -1.12 14.32 0.92
CA ALA A 476 0.10 14.96 0.42
C ALA A 476 -0.20 16.10 -0.57
N PHE A 477 -1.26 16.86 -0.26
CA PHE A 477 -1.69 18.04 -1.03
C PHE A 477 -2.16 17.79 -2.47
N MET A 478 -2.79 16.63 -2.69
CA MET A 478 -3.48 16.29 -3.93
C MET A 478 -4.98 16.25 -3.63
N SER A 479 -5.72 17.28 -4.08
CA SER A 479 -7.17 17.35 -3.89
C SER A 479 -7.93 16.24 -4.62
N ASP A 480 -7.38 15.81 -5.76
CA ASP A 480 -7.96 14.76 -6.60
C ASP A 480 -7.96 13.35 -5.97
N ALA A 481 -7.32 13.16 -4.80
CA ALA A 481 -7.21 11.83 -4.17
C ALA A 481 -8.56 11.22 -3.88
N ARG A 482 -8.78 10.02 -4.44
CA ARG A 482 -9.88 9.15 -4.07
C ARG A 482 -9.24 7.90 -3.49
N SER A 483 -9.72 7.47 -2.33
CA SER A 483 -9.16 6.31 -1.64
C SER A 483 -9.60 5.01 -2.30
N GLY A 484 -8.92 3.92 -1.93
CA GLY A 484 -9.30 2.58 -2.35
C GLY A 484 -10.67 2.12 -1.85
N VAL A 485 -11.20 2.78 -0.81
CA VAL A 485 -12.57 2.56 -0.33
C VAL A 485 -13.49 3.79 -0.48
N GLY A 486 -12.99 4.88 -1.06
CA GLY A 486 -13.82 6.03 -1.44
C GLY A 486 -13.66 7.30 -0.63
N ALA A 487 -12.86 7.28 0.44
CA ALA A 487 -12.42 8.52 1.13
C ALA A 487 -11.71 9.49 0.19
N THR A 488 -12.24 10.70 0.01
CA THR A 488 -11.68 11.63 -0.99
C THR A 488 -11.32 13.02 -0.43
N GLY A 489 -10.31 13.64 -1.05
CA GLY A 489 -9.98 15.06 -0.82
C GLY A 489 -8.66 15.30 -0.10
N LEU A 490 -8.33 16.58 0.08
CA LEU A 490 -7.15 17.03 0.83
C LEU A 490 -7.00 16.41 2.22
N MET A 491 -8.13 16.24 2.91
CA MET A 491 -8.17 15.60 4.22
C MET A 491 -8.88 14.24 4.16
N GLN A 492 -8.62 13.49 3.07
CA GLN A 492 -9.25 12.19 2.75
C GLN A 492 -10.47 11.86 3.57
N LEU A 493 -11.59 12.42 3.17
CA LEU A 493 -12.79 12.30 3.94
C LEU A 493 -13.59 11.15 3.48
N MET A 494 -14.15 10.45 4.45
CA MET A 494 -14.98 9.32 4.17
C MET A 494 -16.26 9.89 3.55
N PRO A 495 -16.69 9.37 2.38
CA PRO A 495 -17.91 9.89 1.75
C PRO A 495 -19.14 9.71 2.67
N GLY A 496 -19.23 8.55 3.31
CA GLY A 496 -20.26 8.28 4.32
C GLY A 496 -20.17 9.15 5.56
N THR A 497 -18.94 9.45 6.00
CA THR A 497 -18.70 10.40 7.09
C THR A 497 -18.88 11.86 6.66
N ALA A 498 -18.47 12.20 5.42
CA ALA A 498 -18.50 13.57 4.92
C ALA A 498 -19.91 14.15 4.93
N LYS A 499 -20.87 13.34 4.48
CA LYS A 499 -22.30 13.67 4.57
C LYS A 499 -22.72 13.87 6.03
N GLU A 500 -22.43 12.87 6.88
CA GLU A 500 -22.72 12.94 8.31
C GLU A 500 -22.03 14.12 9.00
N THR A 501 -20.80 14.40 8.58
CA THR A 501 -20.03 15.57 9.06
C THR A 501 -20.71 16.87 8.61
N SER A 502 -21.22 16.87 7.37
CA SER A 502 -22.02 17.99 6.87
C SER A 502 -23.36 18.13 7.60
N ARG A 503 -23.98 17.01 7.94
CA ARG A 503 -25.24 17.01 8.70
C ARG A 503 -25.04 17.38 10.17
N LYS A 504 -24.04 16.76 10.81
CA LYS A 504 -23.69 17.04 12.19
C LYS A 504 -23.16 18.46 12.25
N PHE A 505 -23.89 19.34 12.93
CA PHE A 505 -23.65 20.76 12.83
C PHE A 505 -23.54 20.98 11.30
N GLY A 506 -22.34 21.29 10.80
CA GLY A 506 -22.09 21.27 9.38
C GLY A 506 -22.63 22.49 8.68
N ILE A 507 -22.11 22.69 7.47
CA ILE A 507 -22.51 23.77 6.57
C ILE A 507 -22.69 23.04 5.21
N PRO A 508 -22.98 23.77 4.11
CA PRO A 508 -23.38 23.08 2.90
C PRO A 508 -22.25 22.26 2.34
N LEU A 509 -22.54 21.00 2.10
CA LEU A 509 -21.68 20.13 1.33
C LEU A 509 -22.44 20.07 0.02
N ALA A 510 -21.73 20.20 -1.09
CA ALA A 510 -22.39 20.10 -2.39
C ALA A 510 -21.81 18.89 -3.09
N SER A 511 -22.25 17.73 -2.60
CA SER A 511 -21.95 16.40 -3.15
C SER A 511 -20.54 15.85 -2.89
N THR A 512 -20.45 14.52 -2.99
CA THR A 512 -19.23 13.74 -2.80
C THR A 512 -18.20 14.03 -3.89
N GLN A 513 -18.67 14.00 -5.13
CA GLN A 513 -17.82 14.27 -6.29
C GLN A 513 -17.29 15.70 -6.29
N GLN A 514 -18.15 16.65 -5.89
CA GLN A 514 -17.76 18.06 -5.73
C GLN A 514 -17.46 18.39 -4.26
N LEU A 515 -16.46 17.69 -3.74
CA LEU A 515 -15.86 17.93 -2.43
C LEU A 515 -14.39 18.39 -2.58
N ILE A 516 -13.91 18.38 -3.83
CA ILE A 516 -12.48 18.47 -4.16
C ILE A 516 -11.92 19.85 -3.83
N VAL A 517 -12.81 20.84 -3.77
CA VAL A 517 -12.41 22.19 -3.39
C VAL A 517 -11.65 22.10 -2.07
N PRO A 518 -10.41 22.60 -2.03
CA PRO A 518 -9.66 22.66 -0.79
C PRO A 518 -10.42 23.38 0.33
N ASP A 519 -10.99 24.54 0.04
CA ASP A 519 -11.71 25.30 1.06
C ASP A 519 -12.98 24.60 1.61
N VAL A 520 -13.63 23.77 0.79
CA VAL A 520 -14.68 22.84 1.24
C VAL A 520 -14.05 21.91 2.27
N ASN A 521 -12.98 21.25 1.84
CA ASN A 521 -12.27 20.26 2.64
C ASN A 521 -11.79 20.74 3.99
N ILE A 522 -11.13 21.91 4.01
CA ILE A 522 -10.36 22.33 5.17
C ILE A 522 -11.20 22.63 6.42
N ARG A 523 -12.22 23.49 6.33
CA ARG A 523 -13.03 23.85 7.52
C ARG A 523 -13.91 22.71 8.02
N LEU A 524 -14.32 21.85 7.12
CA LEU A 524 -14.96 20.60 7.53
C LEU A 524 -13.99 19.74 8.35
N GLY A 525 -12.77 19.58 7.83
CA GLY A 525 -11.79 18.72 8.47
C GLY A 525 -11.40 19.26 9.82
N ALA A 526 -11.30 20.59 9.93
CA ALA A 526 -11.09 21.26 11.21
C ALA A 526 -12.22 20.97 12.21
N ALA A 527 -13.47 20.98 11.71
CA ALA A 527 -14.64 20.66 12.54
C ALA A 527 -14.64 19.22 13.01
N TYR A 528 -14.30 18.30 12.11
CA TYR A 528 -14.23 16.90 12.48
C TYR A 528 -13.09 16.63 13.45
N LEU A 529 -11.95 17.26 13.19
CA LEU A 529 -10.80 17.20 14.10
C LEU A 529 -11.14 17.66 15.49
N SER A 530 -11.80 18.82 15.59
CA SER A 530 -12.21 19.36 16.90
C SER A 530 -13.16 18.40 17.60
N GLN A 531 -14.05 17.78 16.84
CA GLN A 531 -15.02 16.80 17.36
C GLN A 531 -14.30 15.67 18.09
N VAL A 532 -13.30 15.09 17.43
CA VAL A 532 -12.50 13.99 18.02
C VAL A 532 -11.47 14.50 19.05
N HIS A 533 -10.82 15.61 18.76
CA HIS A 533 -9.98 16.32 19.73
C HIS A 533 -10.74 16.48 21.06
N SER A 534 -12.01 16.87 20.97
CA SER A 534 -12.90 16.96 22.16
C SER A 534 -13.25 15.60 22.75
N GLN A 535 -13.61 14.67 21.88
CA GLN A 535 -13.95 13.29 22.25
C GLN A 535 -12.90 12.61 23.12
N PHE A 536 -11.62 12.98 22.93
CA PHE A 536 -10.50 12.43 23.70
C PHE A 536 -9.68 13.52 24.43
N ASN A 537 -10.36 14.41 25.15
CA ASN A 537 -9.74 15.41 26.04
C ASN A 537 -8.54 16.19 25.46
N GLY A 538 -8.61 16.52 24.18
CA GLY A 538 -7.53 17.26 23.49
C GLY A 538 -6.22 16.49 23.30
N ASN A 539 -6.33 15.17 23.23
CA ASN A 539 -5.18 14.28 23.05
C ASN A 539 -5.02 13.99 21.56
N ARG A 540 -4.02 14.63 20.95
CA ARG A 540 -3.75 14.48 19.51
C ARG A 540 -3.34 13.07 19.12
N VAL A 541 -2.74 12.33 20.05
CA VAL A 541 -2.33 10.95 19.81
C VAL A 541 -3.57 10.12 19.55
N LEU A 542 -4.51 10.18 20.49
CA LEU A 542 -5.78 9.45 20.38
C LEU A 542 -6.66 9.99 19.27
N ALA A 543 -6.81 11.32 19.23
CA ALA A 543 -7.60 12.00 18.21
C ALA A 543 -7.15 11.71 16.78
N SER A 544 -5.83 11.71 16.55
CA SER A 544 -5.27 11.35 15.24
C SER A 544 -5.67 9.94 14.84
N ALA A 545 -5.58 9.01 15.79
CA ALA A 545 -6.01 7.63 15.55
C ALA A 545 -7.50 7.56 15.21
N ALA A 546 -8.31 8.31 15.94
CA ALA A 546 -9.77 8.35 15.73
C ALA A 546 -10.13 8.84 14.34
N TYR A 547 -9.43 9.86 13.87
CA TYR A 547 -9.60 10.38 12.51
C TYR A 547 -9.44 9.28 11.45
N ASN A 548 -8.39 8.50 11.52
CA ASN A 548 -8.17 7.47 10.53
C ASN A 548 -8.78 6.11 10.80
N ALA A 549 -9.19 5.84 12.01
CA ALA A 549 -9.73 4.50 12.33
C ALA A 549 -11.13 4.44 12.96
N GLY A 550 -11.65 5.58 13.40
CA GLY A 550 -12.94 5.65 14.09
C GLY A 550 -12.76 5.68 15.60
N PRO A 551 -13.52 6.56 16.31
CA PRO A 551 -13.39 6.63 17.77
C PRO A 551 -13.69 5.31 18.49
N GLY A 552 -14.64 4.54 17.98
CA GLY A 552 -14.98 3.24 18.55
C GLY A 552 -13.82 2.26 18.56
N ARG A 553 -13.03 2.26 17.49
CA ARG A 553 -11.80 1.46 17.43
C ARG A 553 -10.77 1.89 18.47
N VAL A 554 -10.60 3.20 18.62
CA VAL A 554 -9.64 3.76 19.57
C VAL A 554 -10.06 3.45 21.01
N ARG A 555 -11.36 3.44 21.28
CA ARG A 555 -11.89 3.06 22.59
C ARG A 555 -11.58 1.60 22.92
N GLN A 556 -11.79 0.72 21.93
CA GLN A 556 -11.43 -0.71 22.04
C GLN A 556 -9.93 -0.89 22.33
N TRP A 557 -9.08 -0.05 21.71
CA TRP A 557 -7.62 -0.05 21.95
C TRP A 557 -7.17 0.64 23.24
N LEU A 558 -8.08 1.35 23.89
CA LEU A 558 -7.84 1.93 25.22
C LEU A 558 -8.42 1.06 26.33
N LYS A 559 -9.07 -0.04 25.97
CA LYS A 559 -9.85 -0.85 26.90
C LYS A 559 -8.97 -1.47 28.01
N ASP A 560 -9.43 -1.31 29.25
CA ASP A 560 -8.74 -1.82 30.45
C ASP A 560 -7.27 -1.43 30.54
N THR A 561 -7.02 -0.13 30.50
CA THR A 561 -5.69 0.44 30.68
C THR A 561 -5.65 1.22 31.97
N ARG A 562 -4.44 1.61 32.38
CA ARG A 562 -4.21 2.34 33.62
C ARG A 562 -2.79 2.91 33.59
N HIS A 563 -2.67 4.22 33.41
CA HIS A 563 -1.38 4.92 33.27
C HIS A 563 -0.51 4.32 32.17
N LEU A 564 -1.09 4.11 31.00
CA LEU A 564 -0.32 3.59 29.86
C LEU A 564 0.48 4.72 29.25
N ALA A 565 1.76 4.48 29.03
CA ALA A 565 2.63 5.47 28.39
C ALA A 565 2.24 5.65 26.92
N PHE A 566 2.37 6.87 26.42
CA PHE A 566 1.91 7.20 25.07
C PHE A 566 2.65 6.40 23.99
N ASP A 567 3.96 6.24 24.16
CA ASP A 567 4.80 5.56 23.16
C ASP A 567 4.49 4.07 23.04
N VAL A 568 4.19 3.44 24.17
CA VAL A 568 3.80 2.03 24.21
C VAL A 568 2.45 1.83 23.53
N TRP A 569 1.50 2.71 23.84
CA TRP A 569 0.17 2.66 23.20
C TRP A 569 0.30 2.70 21.68
N ILE A 570 1.00 3.72 21.18
CA ILE A 570 1.14 3.92 19.73
C ILE A 570 1.72 2.67 19.11
N GLU A 571 2.81 2.18 19.69
CA GLU A 571 3.46 0.96 19.20
C GLU A 571 2.51 -0.23 19.19
N THR A 572 1.75 -0.40 20.27
CA THR A 572 0.78 -1.50 20.40
C THR A 572 -0.62 -1.24 19.77
N ILE A 573 -0.71 -0.36 18.78
CA ILE A 573 -1.92 -0.24 17.96
C ILE A 573 -1.98 -1.47 17.05
N PRO A 574 -3.09 -2.24 17.09
CA PRO A 574 -3.26 -3.44 16.27
C PRO A 574 -3.09 -3.26 14.76
N PHE A 575 -3.64 -2.18 14.20
CA PHE A 575 -3.56 -1.90 12.75
C PHE A 575 -2.26 -1.21 12.36
N ASP A 576 -1.58 -1.79 11.37
CA ASP A 576 -0.36 -1.22 10.82
C ASP A 576 -0.59 0.13 10.17
N GLU A 577 -1.69 0.25 9.41
CA GLU A 577 -2.03 1.50 8.72
C GLU A 577 -2.13 2.67 9.70
N THR A 578 -2.81 2.42 10.83
CA THR A 578 -3.08 3.45 11.83
C THR A 578 -1.86 3.78 12.71
N ARG A 579 -1.04 2.78 13.04
CA ARG A 579 0.20 3.04 13.80
C ARG A 579 1.09 4.02 13.04
N GLN A 580 1.32 3.75 11.77
CA GLN A 580 2.11 4.63 10.98
C GLN A 580 1.46 5.98 10.82
N TYR A 581 0.13 5.99 10.68
CA TYR A 581 -0.59 7.24 10.45
C TYR A 581 -0.41 8.20 11.61
N VAL A 582 -0.44 7.67 12.82
CA VAL A 582 -0.25 8.48 14.03
C VAL A 582 1.21 8.96 14.14
N GLN A 583 2.14 8.04 13.95
CA GLN A 583 3.56 8.38 13.99
C GLN A 583 3.96 9.43 12.95
N ASN A 584 3.39 9.31 11.76
CA ASN A 584 3.59 10.32 10.71
C ASN A 584 3.04 11.67 11.13
N VAL A 585 1.75 11.74 11.50
CA VAL A 585 1.10 13.01 11.89
C VAL A 585 1.85 13.69 13.04
N LEU A 586 2.24 12.90 14.04
CA LEU A 586 2.99 13.44 15.19
C LEU A 586 4.34 14.02 14.75
N SER A 587 5.05 13.30 13.88
CA SER A 587 6.33 13.77 13.33
C SER A 587 6.17 14.99 12.42
N TYR A 588 5.17 14.92 11.54
CA TYR A 588 4.89 16.00 10.61
C TYR A 588 4.51 17.29 11.33
N ALA A 589 3.81 17.15 12.47
CA ALA A 589 3.48 18.30 13.31
C ALA A 589 4.68 18.91 14.05
N VAL A 590 5.70 18.10 14.35
CA VAL A 590 6.97 18.64 14.87
C VAL A 590 7.60 19.54 13.83
N ILE A 591 7.71 19.00 12.61
CA ILE A 591 8.31 19.68 11.46
C ILE A 591 7.56 20.95 11.05
N TYR A 592 6.23 20.89 11.01
CA TYR A 592 5.43 22.08 10.68
C TYR A 592 5.44 23.13 11.78
N GLY A 593 5.49 22.70 13.04
CA GLY A 593 5.64 23.60 14.18
C GLY A 593 6.88 24.48 14.08
N GLN A 594 7.97 23.90 13.59
CA GLN A 594 9.19 24.63 13.26
C GLN A 594 8.90 25.65 12.16
N LYS A 595 8.49 25.14 11.01
CA LYS A 595 8.32 25.96 9.82
C LYS A 595 7.24 27.05 9.97
N LEU A 596 6.30 26.87 10.90
CA LEU A 596 5.33 27.91 11.28
C LEU A 596 5.78 28.77 12.47
N ASN A 597 7.05 28.67 12.87
CA ASN A 597 7.58 29.29 14.09
C ASN A 597 6.62 29.24 15.31
N ALA A 598 6.05 28.06 15.54
CA ALA A 598 5.27 27.77 16.73
C ALA A 598 5.68 26.37 17.18
N PRO A 599 6.92 26.22 17.70
CA PRO A 599 7.48 24.93 18.12
C PRO A 599 6.50 24.00 18.82
N GLN A 600 6.54 22.74 18.43
CA GLN A 600 5.61 21.72 18.91
C GLN A 600 6.45 20.48 19.26
N PRO A 601 6.45 20.06 20.54
CA PRO A 601 7.15 18.80 20.86
C PRO A 601 6.43 17.59 20.30
N ILE A 602 7.07 16.43 20.33
CA ILE A 602 6.47 15.21 19.78
C ILE A 602 5.16 14.88 20.51
N VAL A 603 5.15 15.01 21.83
CA VAL A 603 3.91 14.97 22.60
C VAL A 603 3.88 16.06 23.66
N ASP A 604 2.69 16.62 23.84
CA ASP A 604 2.42 17.59 24.89
C ASP A 604 2.35 16.90 26.27
N TRP A 605 2.47 17.71 27.32
CA TRP A 605 2.53 17.23 28.70
C TRP A 605 1.37 16.29 29.04
N HIS A 606 0.16 16.68 28.65
CA HIS A 606 -1.06 15.96 29.01
C HIS A 606 -1.35 14.74 28.13
N GLU A 607 -0.60 14.57 27.05
CA GLU A 607 -0.72 13.40 26.17
C GLU A 607 0.12 12.21 26.60
N ARG A 608 1.06 12.41 27.53
CA ARG A 608 2.09 11.40 27.83
C ARG A 608 1.56 10.13 28.48
N TYR A 609 0.49 10.24 29.28
CA TYR A 609 -0.18 9.10 29.87
C TYR A 609 -1.69 9.16 29.66
N PHE A 610 -2.29 7.99 29.43
CA PHE A 610 -3.75 7.89 29.33
C PHE A 610 -4.29 6.48 29.54
N ASP A 611 -5.60 6.42 29.81
CA ASP A 611 -6.30 5.18 30.09
C ASP A 611 -7.81 5.38 29.95
N ASP A 612 -8.57 4.29 30.05
CA ASP A 612 -10.03 4.36 30.15
C ASP A 612 -10.50 4.23 31.61
N PHE A 613 -9.59 4.51 32.56
CA PHE A 613 -9.83 4.33 33.98
C PHE A 613 -10.24 5.65 34.60
#